data_1K0A
#
_entry.id   1K0A
#
_cell.length_a   54.511
_cell.length_b   77.256
_cell.length_c   126.242
_cell.angle_alpha   90.00
_cell.angle_beta   90.00
_cell.angle_gamma   90.00
#
_symmetry.space_group_name_H-M   'P 21 21 21'
#
loop_
_entity.id
_entity.type
_entity.pdbx_description
1 polymer 'URE2 PROTEIN'
2 non-polymer S-HEXYLGLUTATHIONE
3 non-polymer GLUTATHIONE
4 water water
#
_entity_poly.entity_id   1
_entity_poly.type   'polypeptide(L)'
_entity_poly.pdbx_seq_one_letter_code
;SHVEYSRITKFFQEQPLEGYTLFSHRSAPNGFKVAIVLSELGFHYNTIFLDFNLGEHRAPEFVSVNPNARVPALIDHGMD
NLSIWESGAILLHLVNKYYKETGNPLLWSDDLADQSQINAWLFFQTSGHAPMIGQALHFRYFHSQKIASAVERYTDEVRR
VYGVVEMALAERREALVMELDTENAAAYSAGTTPMSQSRFFDYPVWLVGDKLTIADLAFVPWNNVVDRIGINIKIEFPEV
YKWTKHMMRRPAVIKALRGE
;
_entity_poly.pdbx_strand_id   A,B
#
loop_
_chem_comp.id
_chem_comp.type
_chem_comp.name
_chem_comp.formula
GSH non-polymer GLUTATHIONE 'C10 H17 N3 O6 S'
GTX non-polymer S-HEXYLGLUTATHIONE 'C16 H30 N3 O6 S 1'
#
# COMPACT_ATOMS: atom_id res chain seq x y z
N SER A 6 -10.03 -27.75 12.66
CA SER A 6 -8.55 -27.94 12.58
C SER A 6 -7.83 -26.69 13.08
N ARG A 7 -7.89 -26.47 14.39
CA ARG A 7 -7.26 -25.30 15.01
C ARG A 7 -7.92 -24.04 14.48
N ILE A 8 -7.79 -23.81 13.18
CA ILE A 8 -8.38 -22.64 12.55
C ILE A 8 -9.89 -22.74 12.54
N THR A 9 -10.40 -23.87 12.06
CA THR A 9 -11.84 -24.10 12.00
C THR A 9 -12.43 -24.01 13.40
N LYS A 10 -11.64 -24.46 14.37
CA LYS A 10 -12.04 -24.44 15.77
C LYS A 10 -12.18 -23.00 16.26
N PHE A 11 -11.17 -22.19 15.96
CA PHE A 11 -11.22 -20.79 16.36
C PHE A 11 -12.47 -20.12 15.81
N PHE A 12 -12.72 -20.29 14.51
CA PHE A 12 -13.90 -19.67 13.90
C PHE A 12 -15.23 -20.15 14.49
N GLN A 13 -15.18 -21.18 15.32
CA GLN A 13 -16.40 -21.68 15.95
C GLN A 13 -16.51 -21.17 17.37
N GLU A 14 -15.43 -20.55 17.85
CA GLU A 14 -15.40 -20.03 19.22
C GLU A 14 -14.86 -18.59 19.32
N GLN A 15 -15.17 -17.77 18.33
CA GLN A 15 -14.71 -16.39 18.33
C GLN A 15 -15.26 -15.59 19.52
N PRO A 16 -14.58 -14.48 19.86
CA PRO A 16 -15.06 -13.66 20.97
C PRO A 16 -15.99 -12.59 20.40
N LEU A 17 -16.77 -11.92 21.26
CA LEU A 17 -17.69 -10.90 20.80
C LEU A 17 -17.04 -9.53 20.78
N GLU A 18 -15.97 -9.38 21.57
CA GLU A 18 -15.24 -8.12 21.66
C GLU A 18 -13.80 -8.31 21.23
N GLY A 19 -13.09 -7.20 21.07
CA GLY A 19 -11.69 -7.26 20.73
C GLY A 19 -11.33 -7.54 19.29
N TYR A 20 -10.08 -7.91 19.12
CA TYR A 20 -9.53 -8.18 17.83
C TYR A 20 -8.69 -9.45 17.84
N THR A 21 -8.74 -10.17 16.72
CA THR A 21 -7.95 -11.37 16.55
C THR A 21 -7.04 -11.04 15.40
N LEU A 22 -5.74 -11.22 15.62
CA LEU A 22 -4.75 -10.90 14.60
C LEU A 22 -4.16 -12.16 14.03
N PHE A 23 -4.20 -12.28 12.71
CA PHE A 23 -3.59 -13.42 12.05
C PHE A 23 -2.23 -12.92 11.62
N SER A 24 -1.17 -13.62 12.05
CA SER A 24 0.16 -13.19 11.72
C SER A 24 1.12 -14.35 11.60
N HIS A 25 2.40 -14.03 11.55
CA HIS A 25 3.45 -15.02 11.46
C HIS A 25 4.64 -14.53 12.30
N ARG A 26 5.37 -15.48 12.88
CA ARG A 26 6.50 -15.14 13.73
C ARG A 26 7.62 -14.42 12.98
N SER A 27 7.66 -14.61 11.67
CA SER A 27 8.68 -13.97 10.83
C SER A 27 8.05 -12.95 9.88
N ALA A 28 6.88 -12.44 10.26
CA ALA A 28 6.16 -11.49 9.43
C ALA A 28 6.24 -10.08 10.01
N PRO A 29 7.18 -9.26 9.53
CA PRO A 29 7.28 -7.90 10.07
C PRO A 29 5.93 -7.20 9.90
N ASN A 30 5.32 -7.37 8.73
CA ASN A 30 4.03 -6.77 8.42
C ASN A 30 3.02 -7.13 9.50
N GLY A 31 3.12 -8.35 10.01
CA GLY A 31 2.22 -8.77 11.07
C GLY A 31 2.52 -8.05 12.38
N PHE A 32 3.80 -7.89 12.69
CA PHE A 32 4.17 -7.22 13.92
C PHE A 32 3.83 -5.73 13.84
N LYS A 33 3.77 -5.21 12.63
CA LYS A 33 3.43 -3.82 12.41
C LYS A 33 2.04 -3.57 13.00
N VAL A 34 1.11 -4.47 12.71
CA VAL A 34 -0.25 -4.33 13.22
C VAL A 34 -0.29 -4.50 14.74
N ALA A 35 0.46 -5.46 15.24
CA ALA A 35 0.53 -5.71 16.70
C ALA A 35 1.03 -4.44 17.39
N ILE A 36 2.05 -3.82 16.81
CA ILE A 36 2.60 -2.59 17.36
C ILE A 36 1.49 -1.54 17.49
N VAL A 37 0.77 -1.31 16.39
CA VAL A 37 -0.30 -0.32 16.38
C VAL A 37 -1.43 -0.70 17.33
N LEU A 38 -1.81 -1.97 17.35
CA LEU A 38 -2.86 -2.40 18.28
C LEU A 38 -2.36 -2.07 19.69
N SER A 39 -1.10 -2.37 19.97
CA SER A 39 -0.53 -2.10 21.29
C SER A 39 -0.58 -0.61 21.59
N GLU A 40 0.07 0.19 20.74
CA GLU A 40 0.09 1.63 20.93
C GLU A 40 -1.29 2.23 21.17
N LEU A 41 -2.29 1.74 20.44
CA LEU A 41 -3.62 2.29 20.60
C LEU A 41 -4.39 1.76 21.79
N GLY A 42 -3.84 0.77 22.47
CA GLY A 42 -4.52 0.21 23.63
C GLY A 42 -5.71 -0.68 23.29
N PHE A 43 -5.59 -1.48 22.23
CA PHE A 43 -6.66 -2.40 21.81
C PHE A 43 -6.28 -3.80 22.29
N HIS A 44 -7.25 -4.52 22.85
CA HIS A 44 -7.01 -5.87 23.35
C HIS A 44 -7.12 -6.86 22.19
N TYR A 45 -6.11 -7.72 22.05
CA TYR A 45 -6.11 -8.66 20.97
C TYR A 45 -5.38 -9.96 21.26
N ASN A 46 -5.74 -10.98 20.49
CA ASN A 46 -5.09 -12.28 20.57
C ASN A 46 -4.53 -12.46 19.17
N THR A 47 -3.44 -13.21 19.08
CA THR A 47 -2.80 -13.44 17.80
C THR A 47 -2.77 -14.92 17.44
N ILE A 48 -3.02 -15.21 16.18
CA ILE A 48 -2.98 -16.58 15.68
C ILE A 48 -1.87 -16.65 14.66
N PHE A 49 -0.80 -17.37 15.01
CA PHE A 49 0.34 -17.54 14.10
C PHE A 49 0.07 -18.71 13.20
N LEU A 50 -0.35 -18.42 11.97
CA LEU A 50 -0.64 -19.46 11.00
C LEU A 50 0.61 -20.23 10.63
N ASP A 51 0.41 -21.47 10.21
CA ASP A 51 1.51 -22.34 9.77
C ASP A 51 1.18 -22.71 8.33
N PHE A 52 1.84 -22.05 7.39
CA PHE A 52 1.60 -22.30 5.97
C PHE A 52 2.02 -23.69 5.53
N ASN A 53 3.02 -24.26 6.20
CA ASN A 53 3.49 -25.60 5.86
C ASN A 53 2.40 -26.63 6.13
N LEU A 54 1.52 -26.31 7.07
CA LEU A 54 0.41 -27.19 7.43
C LEU A 54 -0.79 -26.81 6.56
N GLY A 55 -0.64 -25.75 5.78
CA GLY A 55 -1.70 -25.30 4.90
C GLY A 55 -2.87 -24.61 5.59
N GLU A 56 -2.58 -23.82 6.62
CA GLU A 56 -3.64 -23.14 7.36
C GLU A 56 -4.20 -21.94 6.58
N HIS A 57 -3.38 -21.35 5.72
CA HIS A 57 -3.83 -20.22 4.92
C HIS A 57 -4.81 -20.70 3.86
N ARG A 58 -4.85 -22.01 3.64
CA ARG A 58 -5.75 -22.61 2.66
C ARG A 58 -7.13 -22.75 3.30
N ALA A 59 -7.14 -22.80 4.64
CA ALA A 59 -8.39 -22.93 5.40
C ALA A 59 -9.41 -21.94 4.84
N PRO A 60 -10.46 -22.45 4.19
CA PRO A 60 -11.50 -21.60 3.60
C PRO A 60 -12.01 -20.50 4.54
N GLU A 61 -12.01 -20.76 5.85
CA GLU A 61 -12.47 -19.76 6.80
C GLU A 61 -11.51 -18.56 6.74
N PHE A 62 -10.22 -18.85 6.58
CA PHE A 62 -9.23 -17.80 6.51
C PHE A 62 -9.30 -17.01 5.22
N VAL A 63 -9.32 -17.72 4.09
CA VAL A 63 -9.38 -17.06 2.79
C VAL A 63 -10.61 -16.17 2.70
N SER A 64 -11.53 -16.33 3.65
CA SER A 64 -12.75 -15.51 3.68
C SER A 64 -12.41 -14.20 4.36
N VAL A 65 -11.48 -14.28 5.32
CA VAL A 65 -11.02 -13.13 6.08
C VAL A 65 -10.09 -12.33 5.17
N ASN A 66 -9.20 -13.03 4.48
CA ASN A 66 -8.28 -12.41 3.53
C ASN A 66 -8.25 -13.21 2.23
N PRO A 67 -8.91 -12.70 1.17
CA PRO A 67 -8.95 -13.39 -0.12
C PRO A 67 -7.56 -13.66 -0.70
N ASN A 68 -6.56 -12.92 -0.23
CA ASN A 68 -5.18 -13.03 -0.69
C ASN A 68 -4.42 -14.19 -0.05
N ALA A 69 -4.94 -14.70 1.06
CA ALA A 69 -4.31 -15.82 1.75
C ALA A 69 -2.94 -15.50 2.33
N ARG A 70 -2.73 -14.25 2.72
CA ARG A 70 -1.48 -13.81 3.31
C ARG A 70 -1.76 -13.16 4.65
N VAL A 71 -0.72 -12.97 5.46
CA VAL A 71 -0.89 -12.31 6.75
C VAL A 71 -0.19 -10.97 6.62
N PRO A 72 -0.60 -9.97 7.45
CA PRO A 72 -1.64 -10.02 8.47
C PRO A 72 -3.07 -9.79 7.98
N ALA A 73 -4.01 -10.18 8.83
CA ALA A 73 -5.43 -9.98 8.59
C ALA A 73 -5.97 -9.74 9.98
N LEU A 74 -6.98 -8.89 10.08
CA LEU A 74 -7.53 -8.56 11.37
C LEU A 74 -9.06 -8.67 11.42
N ILE A 75 -9.57 -9.41 12.39
CA ILE A 75 -11.02 -9.48 12.55
C ILE A 75 -11.35 -8.52 13.68
N ASP A 76 -12.20 -7.54 13.40
CA ASP A 76 -12.62 -6.58 14.41
C ASP A 76 -13.93 -7.18 14.92
N HIS A 77 -13.86 -7.90 16.03
CA HIS A 77 -15.04 -8.55 16.56
C HIS A 77 -16.17 -7.60 16.99
N GLY A 78 -15.84 -6.45 17.57
CA GLY A 78 -16.85 -5.51 17.98
C GLY A 78 -17.71 -5.03 16.82
N MET A 79 -17.14 -4.94 15.63
CA MET A 79 -17.90 -4.50 14.47
C MET A 79 -18.44 -5.66 13.63
N ASP A 80 -19.13 -6.60 14.29
CA ASP A 80 -19.71 -7.76 13.62
C ASP A 80 -18.69 -8.59 12.88
N ASN A 81 -17.56 -8.87 13.53
CA ASN A 81 -16.51 -9.66 12.92
C ASN A 81 -16.06 -9.09 11.59
N LEU A 82 -15.98 -7.77 11.53
CA LEU A 82 -15.51 -7.12 10.32
C LEU A 82 -14.11 -7.68 10.08
N SER A 83 -13.78 -7.88 8.82
CA SER A 83 -12.49 -8.43 8.45
C SER A 83 -11.71 -7.41 7.63
N ILE A 84 -10.41 -7.31 7.87
CA ILE A 84 -9.59 -6.38 7.09
C ILE A 84 -8.28 -7.05 6.75
N TRP A 85 -7.88 -6.99 5.48
CA TRP A 85 -6.61 -7.59 5.07
C TRP A 85 -5.72 -6.47 4.62
N GLU A 86 -4.44 -6.78 4.37
CA GLU A 86 -3.44 -5.78 3.98
C GLU A 86 -3.13 -4.91 5.22
N SER A 87 -1.88 -4.98 5.68
CA SER A 87 -1.41 -4.25 6.85
C SER A 87 -1.72 -2.75 6.82
N GLY A 88 -1.57 -2.14 5.65
CA GLY A 88 -1.85 -0.73 5.51
C GLY A 88 -3.32 -0.38 5.68
N ALA A 89 -4.21 -1.25 5.24
CA ALA A 89 -5.64 -0.98 5.36
C ALA A 89 -6.05 -1.16 6.82
N ILE A 90 -5.44 -2.16 7.46
CA ILE A 90 -5.69 -2.43 8.87
C ILE A 90 -5.24 -1.23 9.68
N LEU A 91 -4.06 -0.69 9.37
CA LEU A 91 -3.56 0.47 10.09
C LEU A 91 -4.50 1.66 10.00
N LEU A 92 -4.91 2.02 8.79
CA LEU A 92 -5.82 3.14 8.60
C LEU A 92 -7.13 2.93 9.34
N HIS A 93 -7.56 1.68 9.41
CA HIS A 93 -8.80 1.33 10.08
C HIS A 93 -8.72 1.51 11.59
N LEU A 94 -7.62 1.05 12.18
CA LEU A 94 -7.42 1.15 13.62
C LEU A 94 -7.33 2.60 14.09
N VAL A 95 -6.47 3.42 13.47
CA VAL A 95 -6.35 4.81 13.92
C VAL A 95 -7.64 5.59 13.71
N ASN A 96 -8.37 5.24 12.66
CA ASN A 96 -9.64 5.90 12.35
C ASN A 96 -10.60 5.59 13.47
N LYS A 97 -10.64 4.33 13.86
CA LYS A 97 -11.51 3.89 14.92
C LYS A 97 -11.14 4.55 16.24
N TYR A 98 -9.85 4.60 16.55
CA TYR A 98 -9.44 5.21 17.80
C TYR A 98 -9.83 6.68 17.85
N TYR A 99 -9.57 7.39 16.75
CA TYR A 99 -9.89 8.81 16.69
C TYR A 99 -11.36 9.13 16.82
N LYS A 100 -12.22 8.28 16.28
CA LYS A 100 -13.66 8.52 16.35
C LYS A 100 -14.27 8.14 17.69
N GLU A 101 -13.56 7.32 18.45
CA GLU A 101 -14.02 6.88 19.75
C GLU A 101 -13.52 7.80 20.88
N THR A 102 -12.50 8.60 20.60
CA THR A 102 -11.90 9.45 21.63
C THR A 102 -11.69 10.93 21.31
N GLY A 103 -11.75 11.29 20.03
CA GLY A 103 -11.54 12.68 19.64
C GLY A 103 -10.05 12.99 19.59
N ASN A 104 -9.24 11.99 19.95
CA ASN A 104 -7.80 12.13 19.97
C ASN A 104 -7.18 11.31 18.84
N PRO A 105 -6.53 11.98 17.88
CA PRO A 105 -5.91 11.29 16.74
C PRO A 105 -4.55 10.70 17.08
N LEU A 106 -4.52 9.79 18.06
CA LEU A 106 -3.28 9.14 18.47
C LEU A 106 -2.59 8.42 17.29
N LEU A 107 -1.35 8.79 17.00
CA LEU A 107 -0.58 8.19 15.90
C LEU A 107 -1.15 8.54 14.55
N TRP A 108 -2.08 9.49 14.53
CA TRP A 108 -2.75 9.89 13.30
C TRP A 108 -2.79 11.42 13.28
N SER A 109 -3.91 11.97 12.87
CA SER A 109 -4.10 13.41 12.80
C SER A 109 -5.52 13.69 12.35
N ASP A 110 -6.12 14.75 12.88
CA ASP A 110 -7.48 15.12 12.51
C ASP A 110 -7.52 16.09 11.31
N ASP A 111 -6.34 16.46 10.83
CA ASP A 111 -6.21 17.38 9.70
C ASP A 111 -5.88 16.65 8.39
N LEU A 112 -6.73 16.85 7.37
CA LEU A 112 -6.56 16.21 6.06
C LEU A 112 -5.15 16.28 5.50
N ALA A 113 -4.54 17.46 5.53
CA ALA A 113 -3.20 17.65 5.01
C ALA A 113 -2.21 16.65 5.63
N ASP A 114 -2.19 16.59 6.96
CA ASP A 114 -1.28 15.68 7.65
C ASP A 114 -1.59 14.22 7.32
N GLN A 115 -2.87 13.91 7.15
CA GLN A 115 -3.27 12.55 6.83
C GLN A 115 -2.72 12.09 5.48
N SER A 116 -2.80 12.97 4.48
CA SER A 116 -2.29 12.63 3.17
C SER A 116 -0.76 12.42 3.21
N GLN A 117 -0.08 13.15 4.09
CA GLN A 117 1.36 12.98 4.22
C GLN A 117 1.64 11.65 4.92
N ILE A 118 0.82 11.33 5.91
CA ILE A 118 0.96 10.06 6.63
C ILE A 118 0.66 8.91 5.68
N ASN A 119 -0.34 9.08 4.82
CA ASN A 119 -0.66 8.03 3.86
C ASN A 119 0.46 7.88 2.82
N ALA A 120 1.02 9.00 2.39
CA ALA A 120 2.10 9.00 1.42
C ALA A 120 3.21 8.10 1.96
N TRP A 121 3.63 8.35 3.20
CA TRP A 121 4.67 7.55 3.81
C TRP A 121 4.25 6.09 3.98
N LEU A 122 3.03 5.89 4.47
CA LEU A 122 2.49 4.57 4.69
C LEU A 122 2.45 3.72 3.42
N PHE A 123 2.06 4.32 2.30
CA PHE A 123 2.01 3.59 1.04
C PHE A 123 3.41 3.33 0.55
N PHE A 124 4.28 4.30 0.80
CA PHE A 124 5.65 4.19 0.39
C PHE A 124 6.33 3.02 1.12
N GLN A 125 6.04 2.89 2.41
CA GLN A 125 6.63 1.80 3.17
C GLN A 125 6.07 0.45 2.73
N THR A 126 4.75 0.33 2.64
CA THR A 126 4.15 -0.95 2.23
C THR A 126 4.33 -1.34 0.77
N SER A 127 4.62 -0.40 -0.11
CA SER A 127 4.76 -0.74 -1.53
C SER A 127 6.12 -0.46 -2.13
N GLY A 128 7.01 0.16 -1.38
CA GLY A 128 8.33 0.47 -1.90
C GLY A 128 9.46 -0.04 -1.02
N HIS A 129 9.24 0.00 0.29
CA HIS A 129 10.23 -0.45 1.26
C HIS A 129 10.10 -1.96 1.48
N ALA A 130 8.97 -2.38 2.04
CA ALA A 130 8.70 -3.78 2.32
C ALA A 130 8.89 -4.76 1.17
N PRO A 131 8.28 -4.49 0.02
CA PRO A 131 8.43 -5.40 -1.11
C PRO A 131 9.87 -5.54 -1.57
N MET A 132 10.59 -4.43 -1.61
CA MET A 132 11.98 -4.49 -2.05
C MET A 132 12.83 -5.28 -1.09
N ILE A 133 12.58 -5.12 0.21
CA ILE A 133 13.33 -5.88 1.19
C ILE A 133 13.00 -7.35 0.99
N GLY A 134 11.73 -7.65 0.76
CA GLY A 134 11.33 -9.03 0.57
C GLY A 134 11.95 -9.69 -0.65
N GLN A 135 12.20 -8.93 -1.71
CA GLN A 135 12.80 -9.52 -2.90
C GLN A 135 14.29 -9.76 -2.68
N ALA A 136 14.91 -8.88 -1.89
CA ALA A 136 16.32 -9.04 -1.60
C ALA A 136 16.51 -10.33 -0.80
N LEU A 137 15.64 -10.56 0.19
CA LEU A 137 15.75 -11.77 1.00
C LEU A 137 15.51 -12.99 0.14
N HIS A 138 14.50 -12.91 -0.74
CA HIS A 138 14.19 -14.05 -1.58
C HIS A 138 15.35 -14.53 -2.45
N PHE A 139 15.98 -13.61 -3.17
CA PHE A 139 17.08 -13.96 -4.05
C PHE A 139 18.37 -14.33 -3.35
N ARG A 140 18.64 -13.70 -2.22
CA ARG A 140 19.85 -14.03 -1.49
C ARG A 140 19.70 -15.32 -0.69
N TYR A 141 18.47 -15.76 -0.41
CA TYR A 141 18.29 -16.96 0.39
C TYR A 141 17.36 -18.05 -0.09
N PHE A 142 16.22 -17.68 -0.66
CA PHE A 142 15.24 -18.69 -1.07
C PHE A 142 15.02 -18.98 -2.55
N HIS A 143 15.76 -18.34 -3.44
CA HIS A 143 15.54 -18.61 -4.87
C HIS A 143 16.14 -19.96 -5.29
N SER A 144 15.51 -20.61 -6.25
CA SER A 144 15.97 -21.91 -6.74
C SER A 144 17.41 -21.92 -7.27
N GLN A 145 17.98 -20.73 -7.47
CA GLN A 145 19.36 -20.62 -7.94
C GLN A 145 19.92 -19.25 -7.54
N LYS A 146 21.24 -19.11 -7.56
CA LYS A 146 21.86 -17.85 -7.19
C LYS A 146 21.96 -16.86 -8.36
N ILE A 147 21.43 -15.67 -8.15
CA ILE A 147 21.49 -14.60 -9.15
C ILE A 147 21.96 -13.34 -8.44
N ALA A 148 23.27 -13.12 -8.45
CA ALA A 148 23.84 -11.95 -7.78
C ALA A 148 23.31 -10.60 -8.27
N SER A 149 23.04 -10.48 -9.56
CA SER A 149 22.54 -9.20 -10.10
C SER A 149 21.14 -8.85 -9.56
N ALA A 150 20.36 -9.89 -9.26
CA ALA A 150 19.00 -9.71 -8.73
C ALA A 150 19.09 -9.27 -7.28
N VAL A 151 20.03 -9.88 -6.55
CA VAL A 151 20.23 -9.57 -5.14
C VAL A 151 20.75 -8.14 -4.97
N GLU A 152 21.63 -7.72 -5.87
CA GLU A 152 22.19 -6.37 -5.82
C GLU A 152 21.14 -5.31 -6.17
N ARG A 153 20.36 -5.59 -7.21
CA ARG A 153 19.30 -4.68 -7.66
C ARG A 153 18.38 -4.29 -6.50
N TYR A 154 17.81 -5.30 -5.85
CA TYR A 154 16.91 -5.09 -4.73
C TYR A 154 17.62 -4.60 -3.47
N THR A 155 18.87 -5.00 -3.29
CA THR A 155 19.62 -4.56 -2.12
C THR A 155 19.93 -3.07 -2.27
N ASP A 156 20.21 -2.66 -3.49
CA ASP A 156 20.49 -1.25 -3.77
C ASP A 156 19.23 -0.42 -3.58
N GLU A 157 18.11 -0.94 -4.03
CA GLU A 157 16.86 -0.21 -3.88
C GLU A 157 16.48 -0.04 -2.41
N VAL A 158 16.75 -1.04 -1.59
CA VAL A 158 16.44 -0.93 -0.18
C VAL A 158 17.29 0.20 0.38
N ARG A 159 18.54 0.30 -0.09
CA ARG A 159 19.43 1.36 0.36
C ARG A 159 18.93 2.71 -0.12
N ARG A 160 18.49 2.75 -1.37
CA ARG A 160 17.97 3.96 -1.98
C ARG A 160 16.78 4.47 -1.18
N VAL A 161 15.89 3.56 -0.79
CA VAL A 161 14.72 3.91 -0.01
C VAL A 161 15.13 4.50 1.34
N TYR A 162 16.08 3.86 2.01
CA TYR A 162 16.52 4.38 3.31
C TYR A 162 17.15 5.75 3.12
N GLY A 163 17.69 5.98 1.92
CA GLY A 163 18.29 7.27 1.64
C GLY A 163 17.21 8.33 1.74
N VAL A 164 16.07 8.02 1.14
CA VAL A 164 14.92 8.92 1.14
C VAL A 164 14.47 9.27 2.57
N VAL A 165 14.35 8.25 3.41
CA VAL A 165 13.92 8.43 4.80
C VAL A 165 14.95 9.27 5.54
N GLU A 166 16.21 8.83 5.43
CA GLU A 166 17.34 9.50 6.07
C GLU A 166 17.32 11.01 5.80
N MET A 167 17.14 11.38 4.53
CA MET A 167 17.12 12.77 4.12
C MET A 167 15.94 13.53 4.74
N ALA A 168 14.80 12.86 4.86
CA ALA A 168 13.62 13.48 5.43
C ALA A 168 13.78 13.67 6.94
N LEU A 169 14.43 12.71 7.59
CA LEU A 169 14.65 12.80 9.03
C LEU A 169 15.72 13.87 9.34
N ALA A 170 16.69 14.00 8.44
CA ALA A 170 17.76 14.96 8.60
C ALA A 170 17.25 16.39 8.49
N GLU A 171 16.31 16.57 7.57
CA GLU A 171 15.72 17.90 7.37
C GLU A 171 14.79 18.25 8.53
N ARG A 172 14.01 17.27 8.99
CA ARG A 172 13.09 17.52 10.10
C ARG A 172 13.93 17.94 11.29
N ARG A 173 15.17 17.45 11.32
CA ARG A 173 16.12 17.74 12.38
C ARG A 173 16.60 19.18 12.30
N GLU A 174 17.17 19.54 11.15
CA GLU A 174 17.67 20.87 10.93
C GLU A 174 16.63 21.95 11.22
N ALA A 175 15.38 21.69 10.87
CA ALA A 175 14.31 22.65 11.09
C ALA A 175 14.14 22.95 12.58
N LEU A 176 14.27 21.93 13.41
CA LEU A 176 14.13 22.10 14.84
C LEU A 176 15.32 22.93 15.36
N VAL A 177 16.47 22.77 14.74
CA VAL A 177 17.66 23.54 15.14
C VAL A 177 17.38 25.02 14.92
N MET A 178 16.84 25.37 13.75
CA MET A 178 16.50 26.74 13.42
C MET A 178 15.26 27.14 14.22
N GLU A 179 15.31 26.84 15.52
CA GLU A 179 14.23 27.14 16.47
C GLU A 179 13.66 28.53 16.24
N PHE A 201 20.00 17.62 19.87
CA PHE A 201 20.94 16.80 19.11
C PHE A 201 20.49 15.34 19.06
N ASP A 202 19.82 14.90 20.11
CA ASP A 202 19.33 13.52 20.20
C ASP A 202 17.82 13.51 20.42
N TYR A 203 17.20 14.67 20.28
CA TYR A 203 15.76 14.84 20.46
C TYR A 203 15.01 14.08 19.37
N PRO A 204 13.91 13.40 19.72
CA PRO A 204 13.11 12.64 18.74
C PRO A 204 12.57 13.49 17.59
N VAL A 205 12.83 13.05 16.38
CA VAL A 205 12.36 13.75 15.18
C VAL A 205 11.47 12.78 14.36
N TRP A 206 10.41 13.29 13.76
CA TRP A 206 9.52 12.42 13.00
C TRP A 206 9.15 12.89 11.60
N LEU A 207 8.57 11.96 10.83
CA LEU A 207 8.19 12.23 9.46
C LEU A 207 7.08 13.25 9.27
N VAL A 208 6.01 13.13 10.05
CA VAL A 208 4.87 14.03 9.90
C VAL A 208 4.45 14.68 11.21
N GLY A 209 4.04 15.95 11.14
CA GLY A 209 3.56 16.68 12.30
C GLY A 209 4.38 16.73 13.59
N ASP A 210 5.67 16.44 13.52
CA ASP A 210 6.52 16.47 14.70
C ASP A 210 6.04 15.60 15.87
N LYS A 211 5.23 14.59 15.54
CA LYS A 211 4.69 13.67 16.53
C LYS A 211 4.82 12.28 15.94
N LEU A 212 4.77 11.27 16.78
CA LEU A 212 4.86 9.90 16.30
C LEU A 212 3.54 9.48 15.62
N THR A 213 3.66 8.84 14.45
CA THR A 213 2.47 8.36 13.74
C THR A 213 2.73 6.97 13.13
N ILE A 214 1.67 6.37 12.61
CA ILE A 214 1.80 5.07 11.98
C ILE A 214 2.83 5.15 10.86
N ALA A 215 3.05 6.37 10.37
CA ALA A 215 4.02 6.61 9.31
C ALA A 215 5.41 6.15 9.76
N ASP A 216 5.76 6.50 10.99
CA ASP A 216 7.06 6.11 11.54
C ASP A 216 7.01 4.63 11.91
N LEU A 217 6.03 4.24 12.73
CA LEU A 217 5.89 2.87 13.18
C LEU A 217 5.93 1.80 12.09
N ALA A 218 5.39 2.11 10.92
CA ALA A 218 5.36 1.13 9.83
C ALA A 218 6.73 0.62 9.40
N PHE A 219 7.79 1.36 9.71
CA PHE A 219 9.13 0.94 9.31
C PHE A 219 9.89 0.14 10.38
N VAL A 220 9.62 0.41 11.65
CA VAL A 220 10.32 -0.26 12.74
C VAL A 220 10.57 -1.75 12.54
N PRO A 221 9.49 -2.54 12.32
CA PRO A 221 9.63 -3.99 12.12
C PRO A 221 10.64 -4.34 11.03
N TRP A 222 10.48 -3.74 9.86
CA TRP A 222 11.37 -4.02 8.76
C TRP A 222 12.83 -3.59 9.01
N ASN A 223 13.01 -2.48 9.72
CA ASN A 223 14.35 -1.99 10.05
C ASN A 223 15.16 -3.05 10.79
N ASN A 224 14.46 -3.93 11.51
CA ASN A 224 15.12 -4.98 12.29
C ASN A 224 15.57 -6.22 11.53
N VAL A 225 15.20 -6.32 10.25
CA VAL A 225 15.60 -7.46 9.44
C VAL A 225 16.48 -7.06 8.26
N VAL A 226 16.63 -5.77 8.01
CA VAL A 226 17.45 -5.33 6.87
C VAL A 226 18.92 -5.70 6.97
N ASP A 227 19.39 -6.04 8.16
CA ASP A 227 20.78 -6.44 8.32
C ASP A 227 21.02 -7.73 7.52
N ARG A 228 20.00 -8.60 7.51
CA ARG A 228 20.06 -9.87 6.83
C ARG A 228 20.31 -9.80 5.32
N ILE A 229 20.30 -8.59 4.76
CA ILE A 229 20.60 -8.43 3.35
C ILE A 229 21.82 -7.53 3.23
N GLY A 230 22.49 -7.35 4.36
CA GLY A 230 23.72 -6.56 4.37
C GLY A 230 23.65 -5.09 4.72
N ILE A 231 22.48 -4.60 5.11
CA ILE A 231 22.35 -3.19 5.45
C ILE A 231 22.62 -2.94 6.92
N ASN A 232 23.54 -2.03 7.19
CA ASN A 232 23.92 -1.67 8.55
C ASN A 232 23.44 -0.26 8.85
N ILE A 233 22.19 -0.16 9.30
CA ILE A 233 21.58 1.12 9.62
C ILE A 233 22.43 2.00 10.53
N LYS A 234 22.97 1.39 11.59
CA LYS A 234 23.79 2.09 12.57
C LYS A 234 24.83 3.03 11.96
N ILE A 235 25.45 2.61 10.86
CA ILE A 235 26.47 3.43 10.21
C ILE A 235 26.12 3.95 8.82
N GLU A 236 25.22 3.27 8.13
CA GLU A 236 24.81 3.70 6.79
C GLU A 236 23.83 4.86 6.86
N PHE A 237 22.95 4.84 7.86
CA PHE A 237 21.94 5.90 8.00
C PHE A 237 21.78 6.44 9.42
N PRO A 238 22.72 7.29 9.85
CA PRO A 238 22.71 7.90 11.18
C PRO A 238 21.32 8.28 11.66
N GLU A 239 20.65 9.18 10.95
CA GLU A 239 19.30 9.63 11.34
C GLU A 239 18.30 8.49 11.52
N VAL A 240 18.18 7.65 10.50
CA VAL A 240 17.26 6.51 10.56
C VAL A 240 17.49 5.70 11.84
N TYR A 241 18.76 5.47 12.16
CA TYR A 241 19.15 4.73 13.34
C TYR A 241 18.58 5.32 14.65
N LYS A 242 18.82 6.61 14.87
CA LYS A 242 18.34 7.30 16.06
C LYS A 242 16.81 7.25 16.15
N TRP A 243 16.17 7.34 14.99
CA TRP A 243 14.71 7.30 14.85
C TRP A 243 14.15 5.90 15.19
N THR A 244 14.77 4.88 14.59
CA THR A 244 14.35 3.50 14.81
C THR A 244 14.69 3.04 16.22
N LYS A 245 15.68 3.68 16.81
CA LYS A 245 16.11 3.38 18.18
C LYS A 245 15.11 3.99 19.17
N HIS A 246 14.64 5.20 18.87
CA HIS A 246 13.67 5.86 19.75
C HIS A 246 12.40 5.02 19.76
N MET A 247 11.99 4.55 18.58
CA MET A 247 10.80 3.72 18.47
C MET A 247 11.00 2.37 19.17
N MET A 248 12.14 1.72 18.93
CA MET A 248 12.41 0.41 19.54
C MET A 248 12.46 0.39 21.05
N ARG A 249 12.56 1.55 21.69
CA ARG A 249 12.60 1.60 23.15
C ARG A 249 11.21 1.79 23.74
N ARG A 250 10.23 2.01 22.87
CA ARG A 250 8.84 2.18 23.30
C ARG A 250 8.32 0.88 23.89
N PRO A 251 7.59 0.96 25.00
CA PRO A 251 7.04 -0.24 25.64
C PRO A 251 6.18 -1.04 24.65
N ALA A 252 5.14 -0.40 24.14
CA ALA A 252 4.23 -1.03 23.19
C ALA A 252 4.98 -1.71 22.05
N VAL A 253 6.10 -1.13 21.66
CA VAL A 253 6.89 -1.69 20.57
C VAL A 253 7.66 -2.94 20.96
N ILE A 254 8.19 -2.94 22.18
CA ILE A 254 8.95 -4.08 22.70
C ILE A 254 7.95 -5.19 23.02
N LYS A 255 6.83 -4.79 23.60
CA LYS A 255 5.76 -5.72 23.94
C LYS A 255 5.33 -6.46 22.67
N ALA A 256 4.91 -5.70 21.66
CA ALA A 256 4.45 -6.29 20.41
C ALA A 256 5.51 -7.21 19.82
N LEU A 257 6.76 -6.75 19.81
CA LEU A 257 7.86 -7.53 19.25
C LEU A 257 8.17 -8.81 20.03
N ARG A 258 7.91 -8.81 21.33
CA ARG A 258 8.16 -9.99 22.15
C ARG A 258 7.09 -11.05 21.87
N GLY A 259 5.86 -10.60 21.70
CA GLY A 259 4.76 -11.51 21.43
C GLY A 259 3.56 -11.28 22.32
N GLU A 260 3.43 -10.06 22.84
CA GLU A 260 2.30 -9.72 23.71
C GLU A 260 1.28 -8.89 22.94
N GLN B 15 2.58 28.78 -10.48
CA GLN B 15 1.62 27.76 -9.98
C GLN B 15 0.23 28.35 -9.77
N PRO B 16 -0.82 27.69 -10.29
CA PRO B 16 -2.21 28.13 -10.17
C PRO B 16 -2.67 28.27 -8.72
N LEU B 17 -3.80 28.94 -8.49
CA LEU B 17 -4.31 29.10 -7.14
C LEU B 17 -5.45 28.10 -6.95
N GLU B 18 -5.85 27.49 -8.06
CA GLU B 18 -6.91 26.49 -8.06
C GLU B 18 -6.55 25.35 -9.01
N GLY B 19 -7.14 24.18 -8.79
CA GLY B 19 -6.85 23.04 -9.65
C GLY B 19 -5.73 22.17 -9.10
N TYR B 20 -5.20 21.29 -9.95
CA TYR B 20 -4.13 20.39 -9.55
C TYR B 20 -3.07 20.22 -10.64
N THR B 21 -1.83 20.04 -10.20
CA THR B 21 -0.74 19.80 -11.13
C THR B 21 -0.35 18.35 -10.88
N LEU B 22 -0.42 17.54 -11.91
CA LEU B 22 -0.09 16.14 -11.78
C LEU B 22 1.24 15.84 -12.43
N PHE B 23 2.22 15.42 -11.62
CA PHE B 23 3.52 15.08 -12.17
C PHE B 23 3.54 13.60 -12.51
N SER B 24 3.69 13.32 -13.80
CA SER B 24 3.68 11.93 -14.25
C SER B 24 4.72 11.70 -15.33
N HIS B 25 4.57 10.56 -15.99
CA HIS B 25 5.44 10.17 -17.08
C HIS B 25 4.57 9.41 -18.07
N ARG B 26 4.73 9.74 -19.35
CA ARG B 26 3.94 9.14 -20.43
C ARG B 26 3.74 7.63 -20.37
N SER B 27 4.62 6.91 -19.67
CA SER B 27 4.47 5.46 -19.60
C SER B 27 4.29 4.93 -18.17
N ALA B 28 3.90 5.81 -17.27
CA ALA B 28 3.69 5.43 -15.87
C ALA B 28 2.22 5.13 -15.64
N PRO B 29 1.87 3.84 -15.47
CA PRO B 29 0.47 3.47 -15.23
C PRO B 29 -0.05 4.09 -13.94
N ASN B 30 0.84 4.29 -12.96
CA ASN B 30 0.46 4.88 -11.68
C ASN B 30 0.05 6.32 -11.91
N GLY B 31 0.69 6.95 -12.90
CA GLY B 31 0.39 8.33 -13.22
C GLY B 31 -1.00 8.45 -13.84
N PHE B 32 -1.34 7.54 -14.75
CA PHE B 32 -2.65 7.61 -15.37
C PHE B 32 -3.73 7.20 -14.38
N LYS B 33 -3.33 6.52 -13.31
CA LYS B 33 -4.27 6.09 -12.28
C LYS B 33 -4.78 7.36 -11.61
N VAL B 34 -3.90 8.34 -11.45
CA VAL B 34 -4.25 9.62 -10.84
C VAL B 34 -5.06 10.47 -11.84
N ALA B 35 -4.64 10.47 -13.10
CA ALA B 35 -5.33 11.23 -14.14
C ALA B 35 -6.78 10.74 -14.22
N ILE B 36 -6.94 9.42 -14.24
CA ILE B 36 -8.26 8.80 -14.31
C ILE B 36 -9.16 9.25 -13.15
N VAL B 37 -8.73 9.04 -11.91
CA VAL B 37 -9.52 9.44 -10.75
C VAL B 37 -9.84 10.93 -10.78
N LEU B 38 -8.84 11.71 -11.14
CA LEU B 38 -8.95 13.16 -11.23
C LEU B 38 -10.06 13.56 -12.19
N SER B 39 -10.00 13.11 -13.44
CA SER B 39 -11.04 13.49 -14.37
C SER B 39 -12.38 12.82 -14.10
N GLU B 40 -12.34 11.67 -13.43
CA GLU B 40 -13.56 10.95 -13.11
C GLU B 40 -14.33 11.78 -12.07
N LEU B 41 -13.60 12.44 -11.18
CA LEU B 41 -14.23 13.27 -10.15
C LEU B 41 -14.44 14.72 -10.61
N GLY B 42 -14.18 15.01 -11.87
CA GLY B 42 -14.37 16.35 -12.38
C GLY B 42 -13.44 17.44 -11.88
N PHE B 43 -12.28 17.05 -11.35
CA PHE B 43 -11.32 18.02 -10.86
C PHE B 43 -10.48 18.50 -12.05
N HIS B 44 -10.18 19.80 -12.09
CA HIS B 44 -9.37 20.33 -13.18
C HIS B 44 -7.90 20.15 -12.84
N TYR B 45 -7.13 19.70 -13.83
CA TYR B 45 -5.71 19.48 -13.61
C TYR B 45 -4.87 19.59 -14.87
N ASN B 46 -3.59 19.87 -14.68
CA ASN B 46 -2.64 19.93 -15.79
C ASN B 46 -1.58 18.91 -15.47
N THR B 47 -1.14 18.19 -16.50
CA THR B 47 -0.13 17.18 -16.33
C THR B 47 1.24 17.69 -16.77
N ILE B 48 2.26 17.36 -15.97
CA ILE B 48 3.63 17.76 -16.29
C ILE B 48 4.46 16.50 -16.46
N PHE B 49 4.64 16.08 -17.71
CA PHE B 49 5.42 14.87 -17.97
C PHE B 49 6.90 15.08 -17.77
N LEU B 50 7.44 14.34 -16.81
CA LEU B 50 8.86 14.43 -16.49
C LEU B 50 9.73 13.63 -17.45
N ASP B 51 10.85 14.22 -17.85
CA ASP B 51 11.80 13.56 -18.75
C ASP B 51 12.86 12.95 -17.83
N PHE B 52 12.71 11.67 -17.53
CA PHE B 52 13.64 10.98 -16.63
C PHE B 52 15.04 10.83 -17.19
N ASN B 53 15.21 11.12 -18.48
CA ASN B 53 16.52 11.03 -19.10
C ASN B 53 17.39 12.15 -18.54
N LEU B 54 16.82 13.36 -18.43
CA LEU B 54 17.55 14.50 -17.91
C LEU B 54 17.65 14.45 -16.39
N GLY B 55 16.83 13.60 -15.77
CA GLY B 55 16.85 13.47 -14.32
C GLY B 55 15.99 14.53 -13.65
N GLU B 56 14.82 14.80 -14.25
CA GLU B 56 13.91 15.81 -13.71
C GLU B 56 13.20 15.32 -12.45
N HIS B 57 13.21 14.01 -12.23
CA HIS B 57 12.59 13.43 -11.05
C HIS B 57 13.54 13.52 -9.86
N ARG B 58 14.80 13.80 -10.16
CA ARG B 58 15.82 13.92 -9.11
C ARG B 58 16.19 15.38 -8.86
N ALA B 59 15.58 16.29 -9.63
CA ALA B 59 15.83 17.71 -9.48
C ALA B 59 15.30 18.11 -8.11
N PRO B 60 16.04 18.94 -7.37
CA PRO B 60 15.62 19.37 -6.04
C PRO B 60 14.23 20.04 -6.04
N GLU B 61 13.83 20.60 -7.19
CA GLU B 61 12.53 21.24 -7.29
C GLU B 61 11.44 20.18 -7.13
N PHE B 62 11.62 19.07 -7.82
CA PHE B 62 10.64 17.99 -7.78
C PHE B 62 10.69 17.13 -6.51
N VAL B 63 11.88 16.97 -5.92
CA VAL B 63 12.03 16.18 -4.71
C VAL B 63 11.32 16.83 -3.52
N SER B 64 11.18 18.15 -3.56
CA SER B 64 10.50 18.87 -2.49
C SER B 64 9.03 18.50 -2.49
N VAL B 65 8.58 17.94 -3.61
CA VAL B 65 7.21 17.49 -3.80
C VAL B 65 7.13 16.01 -3.46
N ASN B 66 8.03 15.23 -4.04
CA ASN B 66 8.08 13.80 -3.78
C ASN B 66 9.48 13.43 -3.31
N PRO B 67 9.67 13.21 -2.01
CA PRO B 67 10.99 12.85 -1.49
C PRO B 67 11.54 11.60 -2.17
N ASN B 68 10.64 10.74 -2.65
CA ASN B 68 11.04 9.50 -3.31
C ASN B 68 11.57 9.77 -4.71
N ALA B 69 11.34 10.98 -5.21
CA ALA B 69 11.80 11.36 -6.53
C ALA B 69 11.24 10.46 -7.64
N ARG B 70 9.93 10.24 -7.63
CA ARG B 70 9.26 9.42 -8.64
C ARG B 70 7.87 9.97 -8.89
N VAL B 71 7.24 9.48 -9.96
CA VAL B 71 5.89 9.90 -10.29
C VAL B 71 5.00 8.70 -9.99
N PRO B 72 3.70 8.94 -9.72
CA PRO B 72 3.04 10.25 -9.69
C PRO B 72 3.22 11.10 -8.43
N ALA B 73 3.00 12.39 -8.59
CA ALA B 73 3.08 13.36 -7.51
C ALA B 73 1.98 14.34 -7.86
N LEU B 74 1.31 14.89 -6.85
CA LEU B 74 0.22 15.83 -7.10
C LEU B 74 0.27 17.04 -6.20
N ILE B 75 0.10 18.21 -6.79
CA ILE B 75 0.08 19.47 -6.05
C ILE B 75 -1.37 19.91 -5.97
N ASP B 76 -1.86 20.12 -4.75
CA ASP B 76 -3.24 20.56 -4.54
C ASP B 76 -3.21 22.08 -4.27
N HIS B 77 -3.32 22.86 -5.34
CA HIS B 77 -3.28 24.32 -5.25
C HIS B 77 -4.28 24.92 -4.26
N GLY B 78 -5.53 24.46 -4.31
CA GLY B 78 -6.53 24.97 -3.40
C GLY B 78 -6.13 24.87 -1.92
N MET B 79 -5.30 23.88 -1.58
CA MET B 79 -4.86 23.70 -0.21
C MET B 79 -3.43 24.21 0.00
N ASP B 80 -3.19 25.44 -0.45
CA ASP B 80 -1.88 26.09 -0.31
C ASP B 80 -0.75 25.29 -0.94
N ASN B 81 -1.01 24.77 -2.13
CA ASN B 81 -0.03 23.99 -2.86
C ASN B 81 0.44 22.79 -2.04
N LEU B 82 -0.50 22.13 -1.38
CA LEU B 82 -0.20 20.93 -0.60
C LEU B 82 0.23 19.87 -1.59
N SER B 83 1.35 19.23 -1.31
CA SER B 83 1.86 18.20 -2.21
C SER B 83 1.60 16.77 -1.71
N ILE B 84 1.08 15.89 -2.57
CA ILE B 84 0.86 14.51 -2.17
C ILE B 84 1.66 13.58 -3.09
N TRP B 85 2.29 12.56 -2.53
CA TRP B 85 3.02 11.61 -3.36
C TRP B 85 2.54 10.20 -3.02
N GLU B 86 2.79 9.25 -3.93
CA GLU B 86 2.33 7.86 -3.80
C GLU B 86 0.89 7.78 -4.31
N SER B 87 0.71 7.21 -5.51
CA SER B 87 -0.60 7.09 -6.12
C SER B 87 -1.71 6.63 -5.16
N GLY B 88 -1.35 5.77 -4.20
CA GLY B 88 -2.33 5.31 -3.23
C GLY B 88 -2.77 6.45 -2.31
N ALA B 89 -1.80 7.22 -1.81
CA ALA B 89 -2.12 8.33 -0.92
C ALA B 89 -2.88 9.40 -1.70
N ILE B 90 -2.54 9.57 -2.97
CA ILE B 90 -3.21 10.57 -3.80
C ILE B 90 -4.70 10.26 -4.01
N LEU B 91 -5.04 9.00 -4.27
CA LEU B 91 -6.44 8.65 -4.49
C LEU B 91 -7.31 8.81 -3.24
N LEU B 92 -6.73 8.46 -2.09
CA LEU B 92 -7.45 8.58 -0.85
C LEU B 92 -7.73 10.04 -0.55
N HIS B 93 -6.77 10.89 -0.90
CA HIS B 93 -6.89 12.32 -0.70
C HIS B 93 -7.97 12.92 -1.60
N LEU B 94 -7.97 12.50 -2.87
CA LEU B 94 -8.96 12.99 -3.82
C LEU B 94 -10.38 12.56 -3.49
N VAL B 95 -10.60 11.29 -3.15
CA VAL B 95 -11.95 10.86 -2.81
C VAL B 95 -12.38 11.49 -1.49
N ASN B 96 -11.47 11.61 -0.54
CA ASN B 96 -11.81 12.21 0.74
C ASN B 96 -12.20 13.67 0.49
N LYS B 97 -11.47 14.33 -0.41
CA LYS B 97 -11.75 15.73 -0.72
C LYS B 97 -13.05 15.90 -1.46
N TYR B 98 -13.31 15.04 -2.44
CA TYR B 98 -14.54 15.13 -3.20
C TYR B 98 -15.76 14.92 -2.30
N TYR B 99 -15.64 13.98 -1.37
CA TYR B 99 -16.73 13.66 -0.46
C TYR B 99 -17.03 14.75 0.58
N LYS B 100 -15.98 15.38 1.09
CA LYS B 100 -16.14 16.42 2.09
C LYS B 100 -16.79 17.65 1.44
N GLU B 101 -16.70 17.74 0.12
CA GLU B 101 -17.26 18.88 -0.59
C GLU B 101 -18.69 18.72 -1.08
N THR B 102 -19.00 17.52 -1.56
CA THR B 102 -20.32 17.25 -2.11
C THR B 102 -21.27 16.44 -1.22
N GLY B 103 -20.72 15.71 -0.26
CA GLY B 103 -21.55 14.89 0.60
C GLY B 103 -21.83 13.57 -0.10
N ASN B 104 -21.32 13.44 -1.32
CA ASN B 104 -21.47 12.24 -2.15
C ASN B 104 -20.12 11.52 -2.28
N PRO B 105 -20.03 10.28 -1.74
CA PRO B 105 -18.83 9.45 -1.78
C PRO B 105 -18.52 8.78 -3.12
N LEU B 106 -18.30 9.59 -4.14
CA LEU B 106 -17.99 9.11 -5.48
C LEU B 106 -16.69 8.30 -5.54
N LEU B 107 -16.77 7.07 -6.04
CA LEU B 107 -15.60 6.20 -6.16
C LEU B 107 -15.09 5.87 -4.78
N TRP B 108 -15.92 6.12 -3.78
CA TRP B 108 -15.54 5.91 -2.38
C TRP B 108 -16.77 5.31 -1.70
N SER B 109 -16.96 5.59 -0.42
CA SER B 109 -18.11 5.07 0.32
C SER B 109 -18.27 5.82 1.63
N ASP B 110 -19.51 5.98 2.07
CA ASP B 110 -19.77 6.67 3.32
C ASP B 110 -19.68 5.68 4.47
N ASP B 111 -19.75 4.40 4.13
CA ASP B 111 -19.67 3.31 5.10
C ASP B 111 -18.21 2.97 5.42
N LEU B 112 -17.86 3.06 6.71
CA LEU B 112 -16.51 2.80 7.20
C LEU B 112 -16.01 1.38 6.91
N ALA B 113 -16.91 0.41 7.01
CA ALA B 113 -16.58 -0.98 6.74
C ALA B 113 -16.22 -1.16 5.28
N ASP B 114 -16.89 -0.42 4.41
CA ASP B 114 -16.62 -0.48 2.98
C ASP B 114 -15.35 0.28 2.64
N GLN B 115 -15.06 1.31 3.43
CA GLN B 115 -13.85 2.09 3.21
C GLN B 115 -12.65 1.22 3.53
N SER B 116 -12.74 0.45 4.60
CA SER B 116 -11.65 -0.42 4.97
C SER B 116 -11.41 -1.42 3.83
N GLN B 117 -12.49 -1.93 3.24
CA GLN B 117 -12.40 -2.90 2.14
C GLN B 117 -11.87 -2.22 0.88
N ILE B 118 -12.26 -0.99 0.66
CA ILE B 118 -11.75 -0.28 -0.50
C ILE B 118 -10.25 -0.10 -0.29
N ASN B 119 -9.85 0.19 0.94
CA ASN B 119 -8.43 0.39 1.30
C ASN B 119 -7.67 -0.93 1.15
N ALA B 120 -8.32 -2.02 1.48
CA ALA B 120 -7.68 -3.32 1.37
C ALA B 120 -7.27 -3.54 -0.09
N TRP B 121 -8.24 -3.46 -1.01
CA TRP B 121 -7.93 -3.67 -2.41
C TRP B 121 -6.90 -2.68 -2.89
N LEU B 122 -7.05 -1.41 -2.51
CA LEU B 122 -6.12 -0.39 -2.94
C LEU B 122 -4.67 -0.73 -2.53
N PHE B 123 -4.46 -1.18 -1.29
CA PHE B 123 -3.13 -1.50 -0.82
C PHE B 123 -2.60 -2.74 -1.52
N PHE B 124 -3.51 -3.65 -1.81
CA PHE B 124 -3.19 -4.89 -2.48
C PHE B 124 -2.67 -4.61 -3.89
N GLN B 125 -3.34 -3.71 -4.58
CA GLN B 125 -2.98 -3.37 -5.94
C GLN B 125 -1.63 -2.67 -6.00
N THR B 126 -1.47 -1.64 -5.17
CA THR B 126 -0.25 -0.86 -5.14
C THR B 126 0.97 -1.60 -4.56
N SER B 127 0.74 -2.61 -3.74
CA SER B 127 1.87 -3.30 -3.15
C SER B 127 2.02 -4.76 -3.57
N GLY B 128 0.99 -5.35 -4.15
CA GLY B 128 1.10 -6.74 -4.54
C GLY B 128 0.77 -7.01 -5.99
N HIS B 129 0.50 -5.97 -6.74
CA HIS B 129 0.14 -6.12 -8.15
C HIS B 129 1.09 -5.28 -9.00
N ALA B 130 1.00 -3.97 -8.85
CA ALA B 130 1.88 -3.08 -9.60
C ALA B 130 3.37 -3.42 -9.47
N PRO B 131 3.86 -3.68 -8.25
CA PRO B 131 5.29 -4.00 -8.13
C PRO B 131 5.67 -5.31 -8.84
N MET B 132 4.85 -6.33 -8.63
CA MET B 132 5.11 -7.62 -9.24
C MET B 132 5.07 -7.51 -10.76
N ILE B 133 4.09 -6.78 -11.30
CA ILE B 133 4.03 -6.60 -12.75
C ILE B 133 5.31 -5.88 -13.17
N GLY B 134 5.71 -4.90 -12.38
CA GLY B 134 6.92 -4.16 -12.67
C GLY B 134 8.19 -5.01 -12.67
N GLN B 135 8.24 -6.02 -11.83
CA GLN B 135 9.42 -6.89 -11.76
C GLN B 135 9.44 -7.90 -12.90
N ALA B 136 8.27 -8.31 -13.35
CA ALA B 136 8.18 -9.25 -14.46
C ALA B 136 8.69 -8.52 -15.70
N LEU B 137 8.29 -7.26 -15.85
CA LEU B 137 8.73 -6.48 -16.99
C LEU B 137 10.24 -6.34 -16.95
N HIS B 138 10.77 -6.05 -15.76
CA HIS B 138 12.20 -5.87 -15.64
C HIS B 138 13.05 -7.08 -16.06
N PHE B 139 12.72 -8.26 -15.55
CA PHE B 139 13.51 -9.43 -15.90
C PHE B 139 13.27 -9.95 -17.33
N ARG B 140 12.09 -9.67 -17.88
CA ARG B 140 11.81 -10.12 -19.23
C ARG B 140 12.39 -9.20 -20.28
N TYR B 141 12.55 -7.92 -19.94
CA TYR B 141 13.04 -6.94 -20.91
C TYR B 141 14.22 -6.04 -20.51
N PHE B 142 14.43 -5.79 -19.23
CA PHE B 142 15.49 -4.85 -18.87
C PHE B 142 16.68 -5.31 -18.03
N HIS B 143 16.62 -6.47 -17.41
CA HIS B 143 17.75 -6.89 -16.59
C HIS B 143 19.01 -7.19 -17.42
N SER B 144 20.18 -7.03 -16.80
CA SER B 144 21.45 -7.27 -17.47
C SER B 144 21.57 -8.65 -18.12
N GLN B 145 20.68 -9.58 -17.76
CA GLN B 145 20.72 -10.92 -18.33
C GLN B 145 19.36 -11.62 -18.24
N LYS B 146 19.07 -12.48 -19.20
CA LYS B 146 17.80 -13.23 -19.23
C LYS B 146 17.85 -14.34 -18.20
N ILE B 147 16.91 -14.35 -17.27
CA ILE B 147 16.85 -15.40 -16.27
C ILE B 147 15.41 -15.88 -16.09
N ALA B 148 15.05 -16.95 -16.79
CA ALA B 148 13.71 -17.52 -16.76
C ALA B 148 13.05 -17.66 -15.39
N SER B 149 13.78 -18.20 -14.41
CA SER B 149 13.20 -18.40 -13.09
C SER B 149 12.76 -17.07 -12.48
N ALA B 150 13.55 -16.02 -12.70
CA ALA B 150 13.22 -14.70 -12.17
C ALA B 150 11.96 -14.20 -12.86
N VAL B 151 11.86 -14.44 -14.16
CA VAL B 151 10.68 -14.01 -14.91
C VAL B 151 9.48 -14.81 -14.44
N GLU B 152 9.61 -16.12 -14.42
CA GLU B 152 8.51 -16.97 -14.01
C GLU B 152 8.00 -16.62 -12.62
N ARG B 153 8.92 -16.29 -11.70
CA ARG B 153 8.54 -15.94 -10.34
C ARG B 153 7.47 -14.86 -10.28
N TYR B 154 7.73 -13.73 -10.94
CA TYR B 154 6.81 -12.61 -10.95
C TYR B 154 5.61 -12.78 -11.87
N THR B 155 5.77 -13.47 -12.99
CA THR B 155 4.63 -13.64 -13.87
C THR B 155 3.62 -14.55 -13.17
N ASP B 156 4.12 -15.50 -12.38
CA ASP B 156 3.24 -16.42 -11.65
C ASP B 156 2.47 -15.67 -10.57
N GLU B 157 3.17 -14.78 -9.86
CA GLU B 157 2.57 -14.03 -8.80
C GLU B 157 1.54 -13.06 -9.36
N VAL B 158 1.81 -12.49 -10.54
CA VAL B 158 0.85 -11.58 -11.15
C VAL B 158 -0.41 -12.38 -11.52
N ARG B 159 -0.22 -13.64 -11.90
CA ARG B 159 -1.37 -14.46 -12.25
C ARG B 159 -2.11 -14.92 -10.99
N ARG B 160 -1.38 -15.08 -9.89
CA ARG B 160 -2.00 -15.51 -8.64
C ARG B 160 -2.90 -14.37 -8.14
N VAL B 161 -2.44 -13.14 -8.35
CA VAL B 161 -3.18 -11.96 -7.95
C VAL B 161 -4.45 -11.83 -8.79
N TYR B 162 -4.32 -12.00 -10.10
CA TYR B 162 -5.50 -11.91 -10.95
C TYR B 162 -6.51 -12.98 -10.56
N GLY B 163 -6.00 -14.07 -10.02
CA GLY B 163 -6.88 -15.14 -9.57
C GLY B 163 -7.72 -14.64 -8.40
N VAL B 164 -7.06 -13.94 -7.48
CA VAL B 164 -7.77 -13.39 -6.34
C VAL B 164 -8.88 -12.45 -6.82
N VAL B 165 -8.52 -11.51 -7.68
CA VAL B 165 -9.48 -10.55 -8.21
C VAL B 165 -10.63 -11.27 -8.93
N GLU B 166 -10.25 -12.26 -9.73
CA GLU B 166 -11.17 -13.08 -10.51
C GLU B 166 -12.20 -13.76 -9.63
N MET B 167 -11.71 -14.38 -8.56
CA MET B 167 -12.55 -15.09 -7.61
C MET B 167 -13.52 -14.14 -6.94
N ALA B 168 -13.10 -12.89 -6.74
CA ALA B 168 -13.95 -11.90 -6.10
C ALA B 168 -15.03 -11.37 -7.03
N LEU B 169 -14.68 -11.15 -8.29
CA LEU B 169 -15.65 -10.65 -9.26
C LEU B 169 -16.66 -11.76 -9.56
N ALA B 170 -16.20 -13.00 -9.51
CA ALA B 170 -17.06 -14.13 -9.75
C ALA B 170 -18.05 -14.25 -8.59
N GLU B 171 -17.57 -14.08 -7.37
CA GLU B 171 -18.44 -14.15 -6.20
C GLU B 171 -19.45 -13.01 -6.28
N ARG B 172 -18.96 -11.85 -6.71
CA ARG B 172 -19.80 -10.68 -6.82
C ARG B 172 -20.90 -10.89 -7.86
N ARG B 173 -20.56 -11.53 -8.97
CA ARG B 173 -21.55 -11.76 -10.01
C ARG B 173 -22.58 -12.79 -9.56
N GLU B 174 -22.13 -13.75 -8.78
CA GLU B 174 -23.00 -14.80 -8.27
C GLU B 174 -24.11 -14.16 -7.45
N ALA B 175 -23.73 -13.28 -6.53
CA ALA B 175 -24.69 -12.60 -5.68
C ALA B 175 -25.65 -11.76 -6.52
N LEU B 176 -25.11 -11.11 -7.55
CA LEU B 176 -25.92 -10.29 -8.44
C LEU B 176 -27.02 -11.16 -9.05
N VAL B 177 -26.60 -12.20 -9.78
CA VAL B 177 -27.53 -13.12 -10.43
C VAL B 177 -28.72 -13.53 -9.57
N MET B 178 -28.51 -13.71 -8.27
CA MET B 178 -29.62 -14.08 -7.39
C MET B 178 -30.66 -12.95 -7.43
N GLU B 179 -30.20 -11.76 -7.11
CA GLU B 179 -31.02 -10.55 -7.08
C GLU B 179 -31.58 -10.23 -8.48
N PHE B 201 -27.10 -10.21 -18.08
CA PHE B 201 -26.28 -10.52 -16.92
C PHE B 201 -24.84 -9.97 -17.04
N ASP B 202 -24.48 -9.46 -18.21
CA ASP B 202 -23.13 -8.91 -18.40
C ASP B 202 -23.02 -7.60 -17.61
N TYR B 203 -24.05 -7.35 -16.81
CA TYR B 203 -24.14 -6.18 -15.95
C TYR B 203 -22.80 -6.01 -15.21
N PRO B 204 -22.34 -4.77 -15.04
CA PRO B 204 -21.07 -4.55 -14.34
C PRO B 204 -21.07 -4.84 -12.85
N VAL B 205 -20.13 -5.68 -12.43
CA VAL B 205 -19.96 -6.00 -11.01
C VAL B 205 -18.68 -5.30 -10.53
N TRP B 206 -18.54 -5.14 -9.24
CA TRP B 206 -17.36 -4.45 -8.71
C TRP B 206 -16.89 -5.02 -7.38
N LEU B 207 -15.60 -4.78 -7.09
CA LEU B 207 -14.98 -5.27 -5.88
C LEU B 207 -15.69 -4.84 -4.58
N VAL B 208 -16.09 -3.58 -4.46
CA VAL B 208 -16.75 -3.17 -3.23
C VAL B 208 -18.05 -2.38 -3.38
N GLY B 209 -19.04 -2.75 -2.58
CA GLY B 209 -20.32 -2.08 -2.55
C GLY B 209 -21.13 -1.94 -3.83
N ASP B 210 -20.93 -2.84 -4.78
CA ASP B 210 -21.69 -2.79 -6.02
C ASP B 210 -21.72 -1.40 -6.69
N LYS B 211 -20.61 -0.68 -6.57
CA LYS B 211 -20.46 0.63 -7.19
C LYS B 211 -18.99 0.79 -7.49
N LEU B 212 -18.67 1.45 -8.59
CA LEU B 212 -17.29 1.66 -8.98
C LEU B 212 -16.54 2.50 -7.93
N THR B 213 -15.40 2.01 -7.46
CA THR B 213 -14.60 2.74 -6.47
C THR B 213 -13.15 2.79 -6.92
N ILE B 214 -12.32 3.56 -6.21
CA ILE B 214 -10.91 3.66 -6.56
C ILE B 214 -10.25 2.29 -6.48
N ALA B 215 -10.90 1.33 -5.82
CA ALA B 215 -10.36 -0.02 -5.72
C ALA B 215 -10.35 -0.66 -7.10
N ASP B 216 -11.42 -0.43 -7.86
CA ASP B 216 -11.49 -1.00 -9.21
C ASP B 216 -10.57 -0.24 -10.17
N LEU B 217 -10.65 1.08 -10.16
CA LEU B 217 -9.83 1.90 -11.06
C LEU B 217 -8.33 1.72 -10.91
N ALA B 218 -7.87 1.38 -9.71
CA ALA B 218 -6.44 1.19 -9.48
C ALA B 218 -5.80 0.17 -10.41
N PHE B 219 -6.52 -0.91 -10.72
CA PHE B 219 -6.01 -1.98 -11.58
C PHE B 219 -6.04 -1.65 -13.07
N VAL B 220 -6.88 -0.69 -13.45
CA VAL B 220 -7.04 -0.34 -14.86
C VAL B 220 -5.77 -0.13 -15.69
N PRO B 221 -4.97 0.90 -15.36
CA PRO B 221 -3.75 1.16 -16.13
C PRO B 221 -2.86 -0.06 -16.29
N TRP B 222 -2.71 -0.85 -15.22
CA TRP B 222 -1.87 -2.02 -15.26
C TRP B 222 -2.52 -3.18 -16.01
N ASN B 223 -3.84 -3.29 -15.93
CA ASN B 223 -4.56 -4.34 -16.63
C ASN B 223 -4.23 -4.34 -18.11
N ASN B 224 -4.07 -3.15 -18.66
CA ASN B 224 -3.80 -3.02 -20.08
C ASN B 224 -2.37 -3.33 -20.51
N VAL B 225 -1.47 -3.57 -19.54
CA VAL B 225 -0.09 -3.86 -19.91
C VAL B 225 0.41 -5.26 -19.57
N VAL B 226 -0.44 -6.08 -18.95
CA VAL B 226 0.00 -7.42 -18.60
C VAL B 226 0.21 -8.29 -19.83
N ASP B 227 -0.23 -7.79 -20.98
CA ASP B 227 -0.07 -8.51 -22.24
C ASP B 227 1.41 -8.47 -22.60
N ARG B 228 2.13 -7.52 -22.02
CA ARG B 228 3.55 -7.38 -22.26
C ARG B 228 4.33 -8.48 -21.57
N ILE B 229 3.72 -9.14 -20.57
CA ILE B 229 4.41 -10.22 -19.88
C ILE B 229 3.81 -11.60 -20.13
N GLY B 230 2.89 -11.67 -21.10
CA GLY B 230 2.30 -12.96 -21.45
C GLY B 230 0.97 -13.35 -20.86
N ILE B 231 0.29 -12.42 -20.20
CA ILE B 231 -1.01 -12.72 -19.61
C ILE B 231 -2.14 -12.21 -20.49
N ASN B 232 -2.98 -13.14 -20.93
CA ASN B 232 -4.12 -12.81 -21.78
C ASN B 232 -5.35 -12.77 -20.89
N ILE B 233 -5.69 -11.57 -20.45
CA ILE B 233 -6.83 -11.38 -19.58
C ILE B 233 -8.11 -12.00 -20.12
N LYS B 234 -8.41 -11.72 -21.38
CA LYS B 234 -9.61 -12.24 -22.04
C LYS B 234 -9.76 -13.76 -21.86
N ILE B 235 -8.66 -14.49 -22.04
CA ILE B 235 -8.66 -15.95 -21.92
C ILE B 235 -8.46 -16.48 -20.50
N GLU B 236 -7.42 -16.01 -19.84
CA GLU B 236 -7.10 -16.49 -18.49
C GLU B 236 -8.04 -16.05 -17.36
N PHE B 237 -8.60 -14.83 -17.46
CA PHE B 237 -9.50 -14.33 -16.42
C PHE B 237 -10.71 -13.62 -17.01
N PRO B 238 -11.74 -14.41 -17.37
CA PRO B 238 -13.00 -13.94 -17.95
C PRO B 238 -13.64 -12.75 -17.25
N GLU B 239 -13.95 -12.93 -15.97
CA GLU B 239 -14.59 -11.87 -15.18
C GLU B 239 -13.73 -10.61 -15.14
N VAL B 240 -12.43 -10.77 -14.96
CA VAL B 240 -11.55 -9.63 -14.92
C VAL B 240 -11.70 -8.91 -16.25
N TYR B 241 -11.75 -9.70 -17.32
CA TYR B 241 -11.90 -9.14 -18.66
C TYR B 241 -13.09 -8.18 -18.79
N LYS B 242 -14.28 -8.64 -18.41
CA LYS B 242 -15.48 -7.80 -18.48
C LYS B 242 -15.36 -6.56 -17.61
N TRP B 243 -14.82 -6.75 -16.42
CA TRP B 243 -14.58 -5.70 -15.44
C TRP B 243 -13.67 -4.62 -16.03
N THR B 244 -12.66 -5.01 -16.79
CA THR B 244 -11.73 -4.05 -17.41
C THR B 244 -12.37 -3.38 -18.62
N LYS B 245 -13.20 -4.11 -19.35
CA LYS B 245 -13.88 -3.54 -20.51
C LYS B 245 -14.68 -2.34 -20.03
N HIS B 246 -15.51 -2.57 -19.02
CA HIS B 246 -16.35 -1.54 -18.44
C HIS B 246 -15.59 -0.27 -18.02
N MET B 247 -14.40 -0.45 -17.46
CA MET B 247 -13.60 0.68 -17.02
C MET B 247 -12.94 1.37 -18.22
N MET B 248 -12.38 0.57 -19.12
CA MET B 248 -11.73 1.11 -20.32
C MET B 248 -12.72 1.87 -21.21
N ARG B 249 -14.00 1.52 -21.10
CA ARG B 249 -15.06 2.16 -21.89
C ARG B 249 -15.51 3.53 -21.34
N ARG B 250 -15.37 3.72 -20.03
CA ARG B 250 -15.79 4.97 -19.40
C ARG B 250 -15.10 6.21 -19.99
N PRO B 251 -15.87 7.28 -20.23
CA PRO B 251 -15.42 8.56 -20.79
C PRO B 251 -14.17 9.15 -20.14
N ALA B 252 -14.27 9.42 -18.85
CA ALA B 252 -13.16 9.98 -18.11
C ALA B 252 -11.91 9.13 -18.29
N VAL B 253 -12.07 7.82 -18.31
CA VAL B 253 -10.92 6.93 -18.45
C VAL B 253 -10.20 7.19 -19.78
N ILE B 254 -10.98 7.23 -20.86
CA ILE B 254 -10.45 7.47 -22.19
C ILE B 254 -9.72 8.81 -22.25
N LYS B 255 -10.36 9.85 -21.72
CA LYS B 255 -9.77 11.18 -21.72
C LYS B 255 -8.42 11.19 -21.02
N ALA B 256 -8.34 10.45 -19.92
CA ALA B 256 -7.10 10.39 -19.14
C ALA B 256 -6.01 9.61 -19.88
N LEU B 257 -6.40 8.49 -20.46
CA LEU B 257 -5.48 7.62 -21.20
C LEU B 257 -5.06 8.25 -22.53
N ARG B 258 -4.34 9.36 -22.46
CA ARG B 258 -3.84 10.07 -23.64
C ARG B 258 -2.48 10.71 -23.36
N1 GTX C . 0.93 -6.27 1.11
CA1 GTX C . 0.77 -7.24 2.31
C1 GTX C . 0.56 -6.42 3.56
O11 GTX C . -0.21 -6.86 4.43
O12 GTX C . 1.20 -5.20 3.66
CB1 GTX C . 2.05 -8.14 2.38
CG1 GTX C . 2.02 -9.18 3.55
CD1 GTX C . 3.07 -10.23 3.37
OE1 GTX C . 4.01 -10.10 2.54
N2 GTX C . 2.93 -11.29 4.19
CA2 GTX C . 3.89 -12.40 4.14
C2 GTX C . 3.09 -13.77 3.95
O2 GTX C . 1.99 -13.92 4.43
CB2 GTX C . 4.66 -12.55 5.50
SG2 GTX C . 5.64 -11.08 5.92
C1S GTX C . 6.69 -10.70 4.47
C2S GTX C . 7.69 -11.81 4.18
C3S GTX C . 9.02 -11.35 3.59
C4S GTX C . 10.35 -11.93 4.14
C5S GTX C . 10.57 -11.84 5.68
C6S GTX C . 10.77 -10.43 6.25
N3 GTX C . 3.66 -14.70 3.24
CA3 GTX C . 3.43 -14.86 1.80
C3 GTX C . 3.19 -16.29 1.48
O31 GTX C . 2.97 -16.75 0.32
O32 GTX C . 3.25 -17.09 2.55
N1 GSH D . 3.82 6.55 -5.99
CA1 GSH D . 3.80 5.37 -6.97
C1 GSH D . 3.38 4.17 -6.19
O11 GSH D . 4.37 3.40 -5.53
O12 GSH D . 2.15 3.92 -6.16
CB1 GSH D . 5.22 5.18 -7.66
CG1 GSH D . 5.01 4.60 -9.09
CD1 GSH D . 6.31 4.43 -9.81
OE1 GSH D . 7.30 3.87 -9.27
N2 GSH D . 6.26 4.91 -11.10
CA2 GSH D . 7.41 4.82 -12.03
C2 GSH D . 8.51 5.94 -11.82
O2 GSH D . 8.33 6.98 -11.21
CB2 GSH D . 6.94 5.01 -13.51
SG2 GSH D . 6.60 3.47 -14.34
N3 GSH D . 9.71 5.64 -12.39
CA3 GSH D . 10.89 6.50 -12.36
C3 GSH D . 12.16 5.68 -12.11
O31 GSH D . 13.23 6.31 -12.07
O32 GSH D . 12.04 4.45 -11.96
#